data_5X6J
#
_entry.id   5X6J
#
_cell.length_a   65.106
_cell.length_b   65.106
_cell.length_c   94.565
_cell.angle_alpha   90.00
_cell.angle_beta   90.00
_cell.angle_gamma   120.00
#
_symmetry.space_group_name_H-M   'P 31 2 1'
#
loop_
_entity.id
_entity.type
_entity.pdbx_description
1 polymer 'Adenylate kinase'
2 non-polymer 'ZINC ION'
3 non-polymer "BIS(ADENOSINE)-5'-PENTAPHOSPHATE"
4 water water
#
_entity_poly.entity_id   1
_entity_poly.type   'polypeptide(L)'
_entity_poly.pdbx_seq_one_letter_code
;MNIVLMGLPGAGKGTQADRIVEKYGIPHISTGDMFRAAIQEGTELGVKAKSFMDQGALVPDEVTIGIVRERLSKSDCDNG
FLLDGFPRTVPQAEALDQLLADMGRKIEHVLNIQVEKEELIARLTGRRICKVCGTSYHLLFNPPQVEGKCDKDGGELYQR
ADDNPDTVTNRLEVNMNQTAPLLAFYDSKEVLVNINGQKDIKDVFKDLDVILQGNGQ
;
_entity_poly.pdbx_strand_id   A
#
loop_
_chem_comp.id
_chem_comp.type
_chem_comp.name
_chem_comp.formula
AP5 non-polymer BIS(ADENOSINE)-5'-PENTAPHOSPHATE 'C20 H29 N10 O22 P5'
ZN non-polymer 'ZINC ION' 'Zn 2'
#
# COMPACT_ATOMS: atom_id res chain seq x y z
N MET A 1 -8.80 -14.54 -5.97
CA MET A 1 -7.52 -14.07 -5.39
C MET A 1 -7.76 -12.74 -4.59
N ASN A 2 -8.14 -12.91 -3.33
CA ASN A 2 -8.44 -11.80 -2.42
C ASN A 2 -7.27 -11.58 -1.45
N ILE A 3 -6.39 -10.64 -1.78
CA ILE A 3 -5.07 -10.45 -1.12
C ILE A 3 -5.02 -9.06 -0.46
N VAL A 4 -4.27 -9.01 0.65
CA VAL A 4 -3.85 -7.76 1.30
C VAL A 4 -2.34 -7.78 1.33
N LEU A 5 -1.76 -6.68 0.88
CA LEU A 5 -0.35 -6.46 0.93
C LEU A 5 -0.26 -5.49 2.06
N MET A 6 0.44 -5.95 3.08
CA MET A 6 0.62 -5.20 4.32
C MET A 6 2.07 -4.82 4.55
N GLY A 7 2.29 -3.66 5.12
CA GLY A 7 3.61 -3.30 5.52
C GLY A 7 3.67 -1.85 5.95
N LEU A 8 4.75 -1.55 6.66
CA LEU A 8 4.97 -0.17 7.09
C LEU A 8 5.30 0.72 5.89
N PRO A 9 5.20 2.04 6.09
CA PRO A 9 5.54 2.98 5.01
C PRO A 9 6.95 2.71 4.45
N GLY A 10 7.05 2.53 3.15
CA GLY A 10 8.32 2.27 2.51
C GLY A 10 8.76 0.82 2.47
N ALA A 11 7.91 -0.11 2.93
CA ALA A 11 8.26 -1.54 2.93
C ALA A 11 8.46 -2.17 1.52
N GLY A 12 8.04 -1.48 0.46
CA GLY A 12 8.04 -2.00 -0.93
C GLY A 12 6.69 -2.56 -1.43
N LYS A 13 5.58 -2.15 -0.81
CA LYS A 13 4.24 -2.65 -1.19
C LYS A 13 3.89 -2.24 -2.62
N GLY A 14 4.06 -0.94 -2.91
CA GLY A 14 3.75 -0.45 -4.27
C GLY A 14 4.61 -1.19 -5.30
N THR A 15 5.91 -1.27 -5.02
CA THR A 15 6.90 -1.93 -5.84
C THR A 15 6.52 -3.40 -6.10
N GLN A 16 6.06 -4.12 -5.06
CA GLN A 16 5.69 -5.51 -5.21
C GLN A 16 4.35 -5.67 -5.87
N ALA A 17 3.44 -4.75 -5.56
CA ALA A 17 2.15 -4.72 -6.26
C ALA A 17 2.26 -4.76 -7.82
N ASP A 18 3.17 -3.98 -8.41
CA ASP A 18 3.26 -3.90 -9.85
C ASP A 18 3.52 -5.25 -10.42
N ARG A 19 4.32 -6.02 -9.71
CA ARG A 19 4.65 -7.37 -10.09
C ARG A 19 3.48 -8.35 -9.96
N ILE A 20 2.77 -8.29 -8.85
CA ILE A 20 1.65 -9.21 -8.62
C ILE A 20 0.51 -8.93 -9.58
N VAL A 21 0.24 -7.63 -9.79
CA VAL A 21 -0.85 -7.23 -10.68
C VAL A 21 -0.46 -7.65 -12.12
N GLU A 22 0.77 -7.36 -12.51
CA GLU A 22 1.19 -7.62 -13.86
C GLU A 22 1.14 -9.11 -14.13
N LYS A 23 1.41 -9.91 -13.12
CA LYS A 23 1.38 -11.36 -13.26
C LYS A 23 -0.02 -11.93 -13.17
N TYR A 24 -0.83 -11.52 -12.21
CA TYR A 24 -2.13 -12.17 -12.02
C TYR A 24 -3.34 -11.32 -12.49
N GLY A 25 -3.06 -10.14 -13.08
CA GLY A 25 -4.13 -9.21 -13.54
C GLY A 25 -5.34 -9.05 -12.63
N ILE A 26 -5.09 -8.81 -11.34
CA ILE A 26 -6.13 -8.44 -10.38
C ILE A 26 -5.93 -6.96 -10.13
N PRO A 27 -7.00 -6.24 -9.84
CA PRO A 27 -6.83 -4.80 -9.64
C PRO A 27 -6.01 -4.46 -8.36
N HIS A 28 -5.11 -3.49 -8.50
CA HIS A 28 -4.39 -2.87 -7.40
C HIS A 28 -5.24 -1.81 -6.74
N ILE A 29 -5.59 -2.01 -5.48
CA ILE A 29 -6.43 -1.10 -4.73
C ILE A 29 -5.55 -0.56 -3.59
N SER A 30 -4.99 0.62 -3.76
CA SER A 30 -4.24 1.32 -2.72
C SER A 30 -5.06 2.52 -2.25
N THR A 31 -5.29 2.56 -0.95
CA THR A 31 -5.98 3.68 -0.31
C THR A 31 -5.19 4.98 -0.48
N GLY A 32 -3.86 4.91 -0.31
CA GLY A 32 -3.07 6.09 -0.51
C GLY A 32 -3.20 6.64 -1.91
N ASP A 33 -3.14 5.77 -2.95
CA ASP A 33 -3.48 6.28 -4.37
C ASP A 33 -4.89 6.90 -4.51
N MET A 34 -5.90 6.24 -3.93
CA MET A 34 -7.25 6.81 -3.91
C MET A 34 -7.35 8.19 -3.24
N PHE A 35 -6.71 8.37 -2.10
CA PHE A 35 -6.75 9.69 -1.48
C PHE A 35 -6.07 10.74 -2.37
N ARG A 36 -4.92 10.40 -2.96
CA ARG A 36 -4.25 11.33 -3.90
C ARG A 36 -5.09 11.63 -5.15
N ALA A 37 -5.84 10.65 -5.64
CA ALA A 37 -6.79 10.89 -6.73
C ALA A 37 -7.88 11.89 -6.29
N ALA A 38 -8.48 11.69 -5.10
CA ALA A 38 -9.49 12.61 -4.58
C ALA A 38 -8.90 14.01 -4.41
N ILE A 39 -7.66 14.10 -3.91
CA ILE A 39 -6.95 15.37 -3.83
C ILE A 39 -6.82 15.99 -5.22
N GLN A 40 -6.48 15.20 -6.24
CA GLN A 40 -6.43 15.69 -7.66
C GLN A 40 -7.79 16.13 -8.25
N GLU A 41 -8.85 15.39 -7.93
CA GLU A 41 -10.19 15.84 -8.27
C GLU A 41 -10.49 17.09 -7.49
N GLY A 42 -9.91 17.21 -6.31
CA GLY A 42 -10.20 18.31 -5.45
C GLY A 42 -11.59 18.16 -4.86
N THR A 43 -12.03 16.92 -4.63
CA THR A 43 -13.27 16.69 -3.92
C THR A 43 -13.05 17.17 -2.49
N GLU A 44 -14.15 17.22 -1.76
CA GLU A 44 -14.17 17.62 -0.37
C GLU A 44 -13.50 16.51 0.41
N LEU A 45 -13.73 15.26 -0.01
CA LEU A 45 -13.11 14.11 0.64
C LEU A 45 -11.60 14.31 0.59
N GLY A 46 -11.08 14.57 -0.61
CA GLY A 46 -9.64 14.85 -0.84
C GLY A 46 -9.07 15.97 0.03
N VAL A 47 -9.73 17.12 0.02
CA VAL A 47 -9.33 18.25 0.86
C VAL A 47 -9.24 17.87 2.34
N LYS A 48 -10.26 17.19 2.85
CA LYS A 48 -10.22 16.69 4.23
C LYS A 48 -9.19 15.57 4.53
N ALA A 49 -9.02 14.61 3.62
CA ALA A 49 -7.97 13.57 3.75
C ALA A 49 -6.57 14.18 3.80
N LYS A 50 -6.37 15.21 2.97
CA LYS A 50 -5.06 15.81 2.83
C LYS A 50 -4.52 16.43 4.13
N SER A 51 -5.38 16.98 5.01
CA SER A 51 -4.86 17.53 6.28
C SER A 51 -4.12 16.48 7.07
N PHE A 52 -4.64 15.26 7.02
CA PHE A 52 -4.07 14.17 7.77
C PHE A 52 -2.82 13.67 7.10
N MET A 53 -2.93 13.42 5.82
CA MET A 53 -1.83 12.95 5.01
C MET A 53 -0.61 13.84 5.07
N ASP A 54 -0.79 15.15 4.93
CA ASP A 54 0.33 16.08 5.06
C ASP A 54 1.05 15.95 6.43
N GLN A 55 0.34 15.69 7.54
CA GLN A 55 0.99 15.41 8.83
C GLN A 55 1.59 14.04 8.91
N GLY A 56 1.14 13.09 8.09
CA GLY A 56 1.63 11.71 8.22
C GLY A 56 0.72 10.92 9.16
N ALA A 57 -0.42 11.54 9.48
CA ALA A 57 -1.48 10.91 10.22
C ALA A 57 -2.30 9.99 9.34
N LEU A 58 -2.92 9.01 9.95
CA LEU A 58 -4.00 8.26 9.31
C LEU A 58 -5.17 9.14 9.00
N VAL A 59 -5.79 8.86 7.84
CA VAL A 59 -7.08 9.45 7.54
C VAL A 59 -8.11 8.66 8.41
N PRO A 60 -9.07 9.36 9.08
CA PRO A 60 -10.09 8.67 9.85
C PRO A 60 -10.68 7.39 9.20
N ASP A 61 -10.95 6.43 10.06
CA ASP A 61 -11.35 5.12 9.68
C ASP A 61 -12.63 5.12 8.88
N GLU A 62 -13.62 5.92 9.28
CA GLU A 62 -14.93 5.89 8.62
C GLU A 62 -14.76 6.39 7.20
N VAL A 63 -14.03 7.49 7.03
CA VAL A 63 -13.76 8.01 5.69
C VAL A 63 -13.11 6.88 4.87
N THR A 64 -12.02 6.34 5.39
CA THR A 64 -11.28 5.28 4.72
C THR A 64 -12.09 3.99 4.37
N ILE A 65 -12.82 3.47 5.34
CA ILE A 65 -13.61 2.27 5.10
C ILE A 65 -14.63 2.59 3.99
N GLY A 66 -15.18 3.82 4.05
CA GLY A 66 -16.07 4.34 3.04
C GLY A 66 -15.56 4.09 1.64
N ILE A 67 -14.45 4.73 1.30
CA ILE A 67 -13.94 4.61 -0.07
C ILE A 67 -13.58 3.23 -0.46
N VAL A 68 -13.28 2.39 0.53
CA VAL A 68 -12.91 1.01 0.25
C VAL A 68 -14.15 0.16 -0.06
N ARG A 69 -15.23 0.32 0.73
CA ARG A 69 -16.56 -0.24 0.42
C ARG A 69 -16.91 0.03 -1.03
N GLU A 70 -16.96 1.29 -1.38
CA GLU A 70 -17.31 1.70 -2.71
C GLU A 70 -16.47 1.04 -3.77
N ARG A 71 -15.16 1.12 -3.59
CA ARG A 71 -14.22 0.62 -4.57
C ARG A 71 -14.27 -0.89 -4.77
N LEU A 72 -14.28 -1.67 -3.71
CA LEU A 72 -14.28 -3.14 -3.81
C LEU A 72 -15.62 -3.69 -4.30
N SER A 73 -16.67 -2.88 -4.25
CA SER A 73 -17.98 -3.35 -4.77
C SER A 73 -18.01 -3.26 -6.31
N LYS A 74 -17.10 -2.48 -6.91
CA LYS A 74 -17.00 -2.42 -8.37
C LYS A 74 -16.69 -3.85 -8.96
N SER A 75 -17.31 -4.13 -10.13
CA SER A 75 -17.28 -5.45 -10.76
C SER A 75 -15.86 -5.92 -11.09
N ASP A 76 -14.96 -4.99 -11.38
CA ASP A 76 -13.55 -5.37 -11.63
C ASP A 76 -12.80 -6.10 -10.48
N CYS A 77 -13.36 -6.10 -9.27
CA CYS A 77 -12.81 -6.86 -8.13
C CYS A 77 -13.50 -8.20 -7.88
N ASP A 78 -14.53 -8.54 -8.66
CA ASP A 78 -15.31 -9.78 -8.47
C ASP A 78 -14.48 -11.06 -8.44
N ASN A 79 -13.44 -11.10 -9.25
CA ASN A 79 -12.59 -12.25 -9.39
C ASN A 79 -11.27 -12.08 -8.65
N GLY A 80 -11.21 -11.09 -7.79
CA GLY A 80 -10.00 -10.87 -7.03
C GLY A 80 -9.46 -9.47 -7.04
N PHE A 81 -8.49 -9.26 -6.14
CA PHE A 81 -8.02 -7.95 -5.89
C PHE A 81 -6.80 -7.98 -4.94
N LEU A 82 -6.07 -6.88 -5.05
CA LEU A 82 -4.83 -6.63 -4.31
C LEU A 82 -5.00 -5.32 -3.54
N LEU A 83 -5.36 -5.45 -2.27
CA LEU A 83 -5.49 -4.31 -1.38
C LEU A 83 -4.06 -3.99 -0.96
N ASP A 84 -3.71 -2.72 -0.99
CA ASP A 84 -2.38 -2.30 -0.70
C ASP A 84 -2.48 -1.16 0.33
N GLY A 85 -2.02 -1.44 1.56
CA GLY A 85 -2.04 -0.48 2.67
C GLY A 85 -3.43 -0.25 3.23
N PHE A 86 -4.24 -1.29 3.18
CA PHE A 86 -5.50 -1.35 3.82
C PHE A 86 -5.75 -2.81 4.04
N PRO A 87 -6.21 -3.18 5.26
CA PRO A 87 -6.44 -2.24 6.40
C PRO A 87 -5.17 -1.88 7.17
N ARG A 88 -5.26 -0.80 7.92
CA ARG A 88 -4.16 -0.43 8.86
C ARG A 88 -4.61 -0.39 10.32
N THR A 89 -5.91 -0.56 10.56
CA THR A 89 -6.46 -0.57 11.91
C THR A 89 -7.41 -1.73 12.06
N VAL A 90 -7.65 -2.09 13.33
CA VAL A 90 -8.60 -3.14 13.61
C VAL A 90 -10.00 -2.82 13.09
N PRO A 91 -10.52 -1.57 13.26
CA PRO A 91 -11.81 -1.33 12.65
C PRO A 91 -11.86 -1.44 11.11
N GLN A 92 -10.83 -0.96 10.42
CA GLN A 92 -10.69 -1.23 8.98
C GLN A 92 -10.71 -2.72 8.68
N ALA A 93 -9.97 -3.51 9.46
CA ALA A 93 -9.85 -4.97 9.26
C ALA A 93 -11.18 -5.70 9.37
N GLU A 94 -11.94 -5.30 10.38
CA GLU A 94 -13.26 -5.80 10.64
C GLU A 94 -14.24 -5.43 9.57
N ALA A 95 -14.28 -4.15 9.24
CA ALA A 95 -15.21 -3.67 8.21
C ALA A 95 -14.96 -4.36 6.87
N LEU A 96 -13.69 -4.72 6.63
CA LEU A 96 -13.28 -5.50 5.47
C LEU A 96 -13.82 -6.92 5.51
N ASP A 97 -13.70 -7.60 6.65
CA ASP A 97 -14.28 -8.92 6.82
C ASP A 97 -15.78 -8.90 6.53
N GLN A 98 -16.42 -7.84 6.99
CA GLN A 98 -17.86 -7.73 6.96
C GLN A 98 -18.39 -7.41 5.58
N LEU A 99 -17.77 -6.46 4.92
CA LEU A 99 -18.16 -6.17 3.58
C LEU A 99 -17.89 -7.35 2.64
N LEU A 100 -16.82 -8.11 2.86
CA LEU A 100 -16.58 -9.31 2.06
C LEU A 100 -17.51 -10.47 2.41
N ALA A 101 -17.79 -10.64 3.70
CA ALA A 101 -18.76 -11.67 4.13
C ALA A 101 -20.17 -11.42 3.55
N ASP A 102 -20.58 -10.16 3.40
CA ASP A 102 -21.77 -9.80 2.64
C ASP A 102 -21.76 -10.25 1.17
N MET A 103 -20.58 -10.42 0.58
CA MET A 103 -20.48 -10.92 -0.80
C MET A 103 -20.15 -12.40 -0.85
N GLY A 104 -20.32 -13.13 0.26
CA GLY A 104 -19.94 -14.56 0.32
C GLY A 104 -18.45 -14.85 0.19
N ARG A 105 -17.61 -13.87 0.54
CA ARG A 105 -16.16 -13.95 0.30
C ARG A 105 -15.36 -13.56 1.53
N LYS A 106 -14.08 -13.90 1.46
CA LYS A 106 -13.12 -13.53 2.47
C LYS A 106 -11.75 -13.20 1.89
N ILE A 107 -10.97 -12.49 2.69
CA ILE A 107 -9.54 -12.31 2.44
C ILE A 107 -8.91 -13.67 2.61
N GLU A 108 -7.93 -13.98 1.79
CA GLU A 108 -7.31 -15.31 1.78
C GLU A 108 -5.82 -15.29 2.09
N HIS A 109 -5.15 -14.15 1.91
CA HIS A 109 -3.74 -14.02 2.20
C HIS A 109 -3.49 -12.57 2.60
N VAL A 110 -2.77 -12.39 3.71
CA VAL A 110 -2.25 -11.14 4.12
C VAL A 110 -0.75 -11.32 4.03
N LEU A 111 -0.12 -10.61 3.11
CA LEU A 111 1.33 -10.74 2.97
C LEU A 111 1.97 -9.54 3.62
N ASN A 112 2.68 -9.80 4.70
CA ASN A 112 3.27 -8.75 5.51
C ASN A 112 4.74 -8.58 5.26
N ILE A 113 5.07 -7.48 4.62
CA ILE A 113 6.42 -7.26 4.17
C ILE A 113 7.16 -6.54 5.27
N GLN A 114 8.12 -7.26 5.89
CA GLN A 114 8.88 -6.73 7.04
C GLN A 114 10.26 -6.17 6.68
N VAL A 115 10.49 -4.96 7.17
CA VAL A 115 11.73 -4.23 6.98
C VAL A 115 11.99 -3.46 8.28
N GLU A 116 13.25 -3.43 8.72
CA GLU A 116 13.61 -2.62 9.89
C GLU A 116 13.48 -1.12 9.60
N LYS A 117 13.24 -0.37 10.67
CA LYS A 117 12.94 1.09 10.64
C LYS A 117 13.96 1.94 9.92
N GLU A 118 15.24 1.58 10.06
CA GLU A 118 16.32 2.35 9.45
C GLU A 118 16.34 2.26 7.94
N GLU A 119 16.11 1.06 7.45
CA GLU A 119 16.00 0.80 6.05
C GLU A 119 14.80 1.56 5.48
N LEU A 120 13.64 1.43 6.14
CA LEU A 120 12.42 2.13 5.73
C LEU A 120 12.70 3.61 5.54
N ILE A 121 13.41 4.20 6.49
CA ILE A 121 13.79 5.64 6.42
C ILE A 121 14.71 5.97 5.21
N ALA A 122 15.74 5.14 5.00
CA ALA A 122 16.61 5.32 3.83
C ALA A 122 15.77 5.24 2.56
N ARG A 123 14.81 4.32 2.51
CA ARG A 123 13.98 4.12 1.29
C ARG A 123 13.10 5.28 0.93
N LEU A 124 12.53 5.90 1.96
CA LEU A 124 11.72 7.09 1.76
C LEU A 124 12.55 8.39 1.72
N THR A 125 13.86 8.33 1.76
CA THR A 125 14.60 9.57 1.59
C THR A 125 14.96 9.83 0.14
N GLY A 126 15.31 8.80 -0.60
CA GLY A 126 15.65 8.99 -2.02
C GLY A 126 14.55 8.57 -2.95
N ARG A 127 13.32 8.39 -2.43
CA ARG A 127 12.22 7.88 -3.26
C ARG A 127 11.78 8.93 -4.28
N ARG A 128 11.43 8.47 -5.47
CA ARG A 128 10.83 9.31 -6.53
C ARG A 128 9.64 8.60 -7.20
N ILE A 129 8.61 9.39 -7.54
CA ILE A 129 7.33 8.92 -8.02
C ILE A 129 7.11 9.48 -9.43
N CYS A 130 6.53 8.66 -10.29
CA CYS A 130 6.20 9.02 -11.67
C CYS A 130 4.90 9.87 -11.75
N LYS A 131 5.01 11.03 -12.38
CA LYS A 131 3.87 11.92 -12.65
C LYS A 131 2.78 11.24 -13.46
N VAL A 132 3.15 10.30 -14.34
CA VAL A 132 2.20 9.71 -15.30
C VAL A 132 1.51 8.53 -14.71
N CYS A 133 2.27 7.61 -14.15
CA CYS A 133 1.66 6.37 -13.60
C CYS A 133 1.67 6.14 -12.05
N GLY A 134 2.38 6.97 -11.31
CA GLY A 134 2.41 6.79 -9.87
C GLY A 134 3.40 5.77 -9.34
N THR A 135 4.18 5.10 -10.22
CA THR A 135 5.18 4.12 -9.81
C THR A 135 6.34 4.82 -9.13
N SER A 136 6.98 4.10 -8.19
CA SER A 136 8.13 4.64 -7.43
C SER A 136 9.46 4.07 -7.89
N TYR A 137 10.46 4.94 -7.88
CA TYR A 137 11.88 4.60 -7.99
C TYR A 137 12.64 5.03 -6.72
N HIS A 138 13.91 4.69 -6.69
CA HIS A 138 14.82 5.16 -5.65
C HIS A 138 16.16 5.52 -6.31
N LEU A 139 16.64 6.73 -6.05
CA LEU A 139 17.83 7.24 -6.69
C LEU A 139 19.07 6.38 -6.46
N LEU A 140 19.14 5.76 -5.29
CA LEU A 140 20.24 4.86 -4.95
C LEU A 140 19.95 3.40 -5.23
N PHE A 141 18.79 2.93 -4.83
CA PHE A 141 18.48 1.54 -4.67
C PHE A 141 17.71 0.91 -5.80
N ASN A 142 17.00 1.72 -6.55
CA ASN A 142 16.19 1.18 -7.61
C ASN A 142 15.90 2.29 -8.60
N PRO A 143 16.95 2.81 -9.24
CA PRO A 143 16.81 3.99 -10.11
C PRO A 143 16.13 3.66 -11.45
N PRO A 144 15.53 4.65 -12.11
CA PRO A 144 15.07 4.40 -13.47
C PRO A 144 16.26 4.21 -14.38
N GLN A 145 16.00 3.59 -15.51
CA GLN A 145 17.03 3.38 -16.50
C GLN A 145 17.65 4.70 -16.91
N VAL A 146 16.78 5.67 -17.16
CA VAL A 146 17.20 6.97 -17.57
C VAL A 146 16.83 7.96 -16.53
N GLU A 147 17.82 8.70 -16.05
CA GLU A 147 17.57 9.69 -15.01
C GLU A 147 16.29 10.55 -15.23
N GLY A 148 15.46 10.64 -14.21
CA GLY A 148 14.26 11.54 -14.25
C GLY A 148 13.06 11.06 -15.06
N LYS A 149 13.15 9.88 -15.69
CA LYS A 149 12.10 9.41 -16.62
C LYS A 149 11.66 8.04 -16.23
N CYS A 150 10.35 7.86 -16.08
CA CYS A 150 9.81 6.54 -15.77
C CYS A 150 10.06 5.56 -16.94
N ASP A 151 10.41 4.32 -16.57
CA ASP A 151 10.73 3.22 -17.51
C ASP A 151 9.49 2.76 -18.22
N LYS A 152 8.32 2.98 -17.62
CA LYS A 152 7.10 2.52 -18.27
C LYS A 152 6.47 3.44 -19.32
N ASP A 153 6.54 4.75 -19.12
CA ASP A 153 5.83 5.70 -19.96
C ASP A 153 6.56 7.00 -20.22
N GLY A 154 7.80 7.09 -19.80
CA GLY A 154 8.62 8.28 -19.95
C GLY A 154 8.26 9.46 -19.08
N GLY A 155 7.40 9.19 -18.10
CA GLY A 155 6.93 10.20 -17.17
C GLY A 155 8.01 10.82 -16.30
N GLU A 156 7.81 12.09 -16.02
CA GLU A 156 8.69 12.83 -15.17
C GLU A 156 8.51 12.33 -13.76
N LEU A 157 9.63 12.32 -13.02
CA LEU A 157 9.69 11.80 -11.64
C LEU A 157 9.76 12.96 -10.68
N TYR A 158 9.16 12.81 -9.50
CA TYR A 158 9.15 13.89 -8.57
C TYR A 158 9.11 13.35 -7.14
N GLN A 159 9.27 14.26 -6.18
CA GLN A 159 9.39 13.82 -4.81
C GLN A 159 8.07 14.04 -4.07
N ARG A 160 7.48 12.98 -3.53
CA ARG A 160 6.20 13.12 -2.83
C ARG A 160 6.45 14.06 -1.64
N ALA A 161 5.53 14.99 -1.37
CA ALA A 161 5.76 16.04 -0.36
C ALA A 161 5.89 15.44 1.01
N ASP A 162 5.15 14.35 1.27
CA ASP A 162 5.24 13.63 2.58
C ASP A 162 6.46 12.75 2.81
N ASP A 163 7.34 12.67 1.83
CA ASP A 163 8.56 11.93 1.97
C ASP A 163 9.66 12.84 2.53
N ASN A 164 9.33 13.84 3.32
CA ASN A 164 10.37 14.55 4.06
C ASN A 164 10.69 13.90 5.43
N PRO A 165 11.88 14.19 5.98
CA PRO A 165 12.26 13.39 7.15
C PRO A 165 11.28 13.49 8.33
N ASP A 166 10.79 14.67 8.66
CA ASP A 166 9.86 14.80 9.79
C ASP A 166 8.56 14.03 9.60
N THR A 167 8.01 14.09 8.39
CA THR A 167 6.73 13.44 8.11
C THR A 167 6.87 11.94 8.04
N VAL A 168 7.98 11.47 7.50
CA VAL A 168 8.33 10.05 7.47
C VAL A 168 8.39 9.45 8.91
N THR A 169 9.07 10.14 9.82
CA THR A 169 9.16 9.68 11.22
C THR A 169 7.75 9.55 11.81
N ASN A 170 6.95 10.59 11.64
CA ASN A 170 5.57 10.55 12.06
C ASN A 170 4.81 9.38 11.40
N ARG A 171 4.95 9.25 10.07
CA ARG A 171 4.29 8.14 9.37
C ARG A 171 4.69 6.77 9.94
N LEU A 172 5.98 6.54 10.20
CA LEU A 172 6.40 5.20 10.70
C LEU A 172 5.83 4.85 12.10
N GLU A 173 5.68 5.90 12.90
CA GLU A 173 5.28 5.76 14.29
C GLU A 173 3.80 5.53 14.34
N VAL A 174 3.04 6.43 13.73
CA VAL A 174 1.60 6.26 13.62
C VAL A 174 1.18 4.86 13.09
N ASN A 175 1.84 4.40 12.05
CA ASN A 175 1.39 3.15 11.41
C ASN A 175 1.77 1.93 12.22
N MET A 176 2.92 2.01 12.85
CA MET A 176 3.39 0.98 13.75
C MET A 176 2.52 0.89 14.95
N ASN A 177 1.96 2.04 15.41
CA ASN A 177 1.04 2.06 16.57
C ASN A 177 -0.08 1.09 16.32
N GLN A 178 -0.40 0.89 15.06
CA GLN A 178 -1.55 0.02 14.71
C GLN A 178 -1.17 -1.48 14.42
N THR A 179 0.12 -1.74 14.25
CA THR A 179 0.56 -2.90 13.47
C THR A 179 0.46 -4.23 14.22
N ALA A 180 1.04 -4.27 15.41
CA ALA A 180 1.06 -5.51 16.14
C ALA A 180 -0.33 -6.06 16.40
N PRO A 181 -1.28 -5.20 16.87
CA PRO A 181 -2.59 -5.82 17.13
C PRO A 181 -3.25 -6.28 15.85
N LEU A 182 -2.89 -5.66 14.72
CA LEU A 182 -3.47 -6.06 13.42
C LEU A 182 -2.80 -7.35 12.91
N LEU A 183 -1.49 -7.47 13.10
CA LEU A 183 -0.84 -8.77 12.84
C LEU A 183 -1.53 -9.85 13.65
N ALA A 184 -1.72 -9.57 14.95
CA ALA A 184 -2.38 -10.52 15.85
C ALA A 184 -3.80 -10.85 15.40
N PHE A 185 -4.55 -9.86 14.93
CA PHE A 185 -5.85 -10.11 14.31
C PHE A 185 -5.69 -11.16 13.23
N TYR A 186 -4.83 -10.90 12.23
CA TYR A 186 -4.74 -11.76 11.02
C TYR A 186 -3.98 -13.06 11.31
N ASP A 187 -3.01 -13.01 12.23
CA ASP A 187 -2.19 -14.18 12.60
C ASP A 187 -3.07 -15.23 13.26
N SER A 188 -3.94 -14.77 14.15
CA SER A 188 -4.98 -15.61 14.78
C SER A 188 -6.06 -16.21 13.83
N LYS A 189 -6.25 -15.65 12.64
CA LYS A 189 -7.28 -16.13 11.73
C LYS A 189 -6.60 -16.94 10.67
N GLU A 190 -5.34 -17.26 10.89
CA GLU A 190 -4.59 -18.19 10.03
C GLU A 190 -4.40 -17.79 8.54
N VAL A 191 -4.26 -16.51 8.22
CA VAL A 191 -3.98 -16.10 6.82
C VAL A 191 -2.70 -15.29 6.65
N LEU A 192 -2.00 -14.96 7.74
CA LEU A 192 -0.90 -13.99 7.72
C LEU A 192 0.37 -14.70 7.38
N VAL A 193 1.12 -14.17 6.41
CA VAL A 193 2.50 -14.64 6.18
C VAL A 193 3.41 -13.43 6.28
N ASN A 194 4.49 -13.55 7.09
CA ASN A 194 5.54 -12.55 7.13
C ASN A 194 6.53 -12.81 6.05
N ILE A 195 7.02 -11.73 5.45
CA ILE A 195 7.92 -11.79 4.33
C ILE A 195 9.09 -10.89 4.65
N ASN A 196 10.30 -11.42 4.52
CA ASN A 196 11.50 -10.62 4.51
C ASN A 196 11.52 -9.71 3.26
N GLY A 197 11.30 -8.42 3.48
CA GLY A 197 11.27 -7.41 2.45
C GLY A 197 12.63 -6.77 2.32
N GLN A 198 13.54 -7.13 3.21
CA GLN A 198 14.80 -6.42 3.26
C GLN A 198 15.89 -7.08 2.42
N LYS A 199 15.65 -7.22 1.11
CA LYS A 199 16.58 -7.84 0.18
C LYS A 199 16.13 -7.44 -1.21
N ASP A 200 16.65 -8.07 -2.25
CA ASP A 200 16.39 -7.62 -3.62
C ASP A 200 14.92 -7.69 -3.97
N ILE A 201 14.48 -6.67 -4.66
CA ILE A 201 13.11 -6.60 -5.16
C ILE A 201 12.63 -7.95 -5.78
N LYS A 202 13.46 -8.55 -6.65
CA LYS A 202 13.16 -9.86 -7.24
C LYS A 202 13.01 -10.96 -6.20
N ASP A 203 13.86 -10.94 -5.20
CA ASP A 203 13.80 -11.97 -4.15
C ASP A 203 12.58 -11.87 -3.20
N VAL A 204 12.24 -10.65 -2.86
CA VAL A 204 10.99 -10.41 -2.10
C VAL A 204 9.83 -10.96 -2.95
N PHE A 205 9.91 -10.73 -4.24
CA PHE A 205 8.81 -11.17 -5.08
C PHE A 205 8.59 -12.69 -5.09
N LYS A 206 9.69 -13.45 -5.08
CA LYS A 206 9.63 -14.93 -5.11
C LYS A 206 8.93 -15.45 -3.89
N ASP A 207 9.27 -14.85 -2.75
CA ASP A 207 8.65 -15.18 -1.46
C ASP A 207 7.14 -14.96 -1.48
N LEU A 208 6.73 -13.85 -2.07
CA LEU A 208 5.30 -13.51 -2.20
C LEU A 208 4.60 -14.50 -3.12
N ASP A 209 5.27 -14.77 -4.22
CA ASP A 209 4.66 -15.50 -5.30
C ASP A 209 4.49 -16.97 -4.92
N VAL A 210 5.46 -17.53 -4.18
CA VAL A 210 5.31 -18.86 -3.54
C VAL A 210 3.92 -19.02 -2.95
N ILE A 211 3.59 -18.06 -2.06
CA ILE A 211 2.33 -18.03 -1.32
C ILE A 211 1.14 -17.89 -2.26
N LEU A 212 1.28 -17.05 -3.29
CA LEU A 212 0.13 -16.74 -4.15
C LEU A 212 -0.36 -17.94 -4.97
N GLN A 213 0.51 -18.93 -5.13
CA GLN A 213 0.18 -20.19 -5.83
C GLN A 213 0.61 -21.40 -5.01
ZN ZN B . 5.26 5.99 -15.05
PA AP5 C . 7.42 1.64 -2.35
O1A AP5 C . 7.40 3.01 -2.92
O2A AP5 C . 7.07 0.25 -2.86
O3A AP5 C . 6.79 1.83 -0.79
PB AP5 C . 5.37 1.38 -0.14
O1B AP5 C . 5.76 0.19 0.72
O2B AP5 C . 4.42 1.13 -1.31
O3B AP5 C . 5.15 2.78 0.58
PG AP5 C . 3.71 3.53 0.59
O1G AP5 C . 2.56 2.54 0.43
O2G AP5 C . 3.75 4.81 -0.27
O3G AP5 C . 3.78 4.09 2.13
PD AP5 C . 2.52 5.02 2.76
O1D AP5 C . 2.00 4.40 4.04
O2D AP5 C . 2.81 6.48 2.55
O3D AP5 C . 1.45 4.78 1.63
PE AP5 C . 0.34 5.65 0.89
O1E AP5 C . -0.30 4.31 0.67
O2E AP5 C . 1.01 6.57 -0.13
O5F AP5 C . 8.99 1.44 -1.90
C5F AP5 C . 9.62 2.52 -1.17
C4F AP5 C . 10.97 2.89 -1.75
O4F AP5 C . 11.82 1.75 -1.67
C3F AP5 C . 10.89 3.28 -3.22
O3F AP5 C . 11.77 4.41 -3.40
C2F AP5 C . 11.32 2.01 -3.98
O2F AP5 C . 12.00 2.35 -5.22
C1F AP5 C . 12.28 1.37 -2.99
N9A AP5 C . 12.31 -0.11 -2.86
C8A AP5 C . 11.28 -0.91 -3.02
N7A AP5 C . 11.63 -2.18 -2.75
C5A AP5 C . 12.92 -2.18 -2.40
C6A AP5 C . 13.87 -3.23 -2.00
N6A AP5 C . 13.51 -4.54 -1.91
N1A AP5 C . 15.08 -2.79 -1.68
C2A AP5 C . 15.47 -1.50 -1.80
N3A AP5 C . 14.67 -0.50 -2.18
C4A AP5 C . 13.38 -0.82 -2.49
O5J AP5 C . -0.50 6.56 1.98
C5J AP5 C . -0.25 7.92 2.19
C4J AP5 C . -1.18 8.41 3.29
O4J AP5 C . -2.56 8.08 2.98
C3J AP5 C . -0.92 7.84 4.68
O3J AP5 C . 0.24 8.51 5.26
C2J AP5 C . -2.26 8.08 5.33
O2J AP5 C . -2.38 9.46 5.59
C1J AP5 C . -3.27 7.84 4.20
N9B AP5 C . -3.75 6.44 4.19
C8B AP5 C . -3.45 5.54 3.22
N7B AP5 C . -4.06 4.39 3.45
C5B AP5 C . -4.73 4.50 4.65
C6B AP5 C . -5.58 3.60 5.50
N6B AP5 C . -5.82 2.29 5.16
N1B AP5 C . -6.12 4.13 6.65
C2B AP5 C . -5.91 5.45 6.98
N3B AP5 C . -5.16 6.29 6.25
C4B AP5 C . -4.55 5.87 5.11
#